data_6QYF
#
_entry.id   6QYF
#
_cell.length_a   63.080
_cell.length_b   82.226
_cell.length_c   55.996
_cell.angle_alpha   90.000
_cell.angle_beta   90.000
_cell.angle_gamma   90.000
#
_symmetry.space_group_name_H-M   'P 21 21 2'
#
loop_
_entity.id
_entity.type
_entity.pdbx_description
1 polymer "Possible 4'-phosphopantetheinyl transferase"
2 non-polymer 'COENZYME A'
3 non-polymer 'MAGNESIUM ION'
4 water water
#
_entity_poly.entity_id   1
_entity_poly.type   'polypeptide(L)'
_entity_poly.pdbx_seq_one_letter_code
;MPVTDQLIASVVPELLPSAELYEDPPGLEPLPEEEPLIAKSVAKRRNEFITVRYCARQALSVLGIPEVPILKGDKGQPLW
PDGIVGSMTHTEGFRGAVVGRTGEVRSVGIDAEPHDVLPNGVLKSIALPVERDELDALPAGTHWDRLLFCAKETTYKAWF
PLTARWLGFEDAHITIDPDGTFTSRILVDGRANDGTVLSAFDGRWIIDKGLILTAIVVPKLAAALEHHHHHH
;
_entity_poly.pdbx_strand_id   A
#
loop_
_chem_comp.id
_chem_comp.type
_chem_comp.name
_chem_comp.formula
COA non-polymer 'COENZYME A' 'C21 H36 N7 O16 P3 S'
MG non-polymer 'MAGNESIUM ION' 'Mg 2'
#
# COMPACT_ATOMS: atom_id res chain seq x y z
N ASP A 5 7.59 -3.21 16.94
CA ASP A 5 8.79 -2.70 16.29
C ASP A 5 8.59 -2.53 14.77
N GLN A 6 7.90 -3.49 14.16
CA GLN A 6 7.66 -3.48 12.72
C GLN A 6 6.69 -2.39 12.31
N LEU A 7 6.91 -1.81 11.14
CA LEU A 7 6.11 -0.66 10.72
C LEU A 7 4.71 -1.08 10.31
N ILE A 8 4.59 -2.11 9.46
CA ILE A 8 3.25 -2.48 8.98
C ILE A 8 2.39 -2.94 10.16
N ALA A 9 2.95 -3.77 11.03
CA ALA A 9 2.15 -4.29 12.14
C ALA A 9 1.62 -3.17 13.00
N SER A 10 2.27 -2.00 12.99
N SER A 10 2.27 -2.01 13.01
CA SER A 10 1.85 -0.87 13.80
CA SER A 10 1.81 -0.90 13.84
C SER A 10 0.66 -0.12 13.21
C SER A 10 0.67 -0.11 13.21
N VAL A 11 0.32 -0.35 11.93
CA VAL A 11 -0.73 0.40 11.26
C VAL A 11 -1.84 -0.47 10.67
N VAL A 12 -1.85 -1.78 10.95
CA VAL A 12 -2.93 -2.66 10.49
C VAL A 12 -3.41 -3.51 11.66
N PRO A 13 -4.62 -4.08 11.55
CA PRO A 13 -5.15 -4.92 12.63
C PRO A 13 -4.42 -6.25 12.73
N GLU A 14 -4.55 -6.86 13.91
CA GLU A 14 -3.85 -8.11 14.20
C GLU A 14 -4.28 -9.24 13.26
N LEU A 15 -5.50 -9.21 12.76
CA LEU A 15 -5.98 -10.31 11.93
C LEU A 15 -5.40 -10.27 10.51
N LEU A 16 -4.60 -9.25 10.19
CA LEU A 16 -3.89 -9.21 8.91
C LEU A 16 -2.40 -9.45 9.12
N PRO A 17 -1.91 -10.67 8.90
CA PRO A 17 -0.47 -10.90 9.05
C PRO A 17 0.34 -10.09 8.05
N SER A 18 1.52 -9.67 8.50
CA SER A 18 2.42 -8.87 7.69
C SER A 18 3.85 -9.34 7.90
N ALA A 19 4.71 -8.94 6.96
CA ALA A 19 6.14 -9.24 7.07
C ALA A 19 6.89 -8.17 6.30
N GLU A 20 8.09 -7.82 6.77
CA GLU A 20 8.86 -6.74 6.16
C GLU A 20 10.34 -7.03 6.33
N LEU A 21 11.12 -6.64 5.32
CA LEU A 21 12.57 -6.75 5.33
C LEU A 21 13.15 -5.43 4.84
N TYR A 22 14.21 -4.97 5.48
CA TYR A 22 14.80 -3.67 5.14
C TYR A 22 15.94 -3.79 4.15
N GLU A 23 16.45 -5.00 3.93
CA GLU A 23 17.52 -5.29 3.01
C GLU A 23 17.08 -6.48 2.15
N ASP A 24 17.83 -6.76 1.11
CA ASP A 24 17.64 -7.95 0.31
C ASP A 24 18.59 -9.03 0.83
N PRO A 25 18.07 -10.02 1.56
CA PRO A 25 18.95 -11.08 2.05
C PRO A 25 19.51 -11.88 0.88
N PRO A 26 20.71 -12.43 1.01
CA PRO A 26 21.31 -13.18 -0.10
C PRO A 26 20.57 -14.50 -0.31
N GLY A 27 20.41 -14.86 -1.58
CA GLY A 27 19.99 -16.19 -1.96
C GLY A 27 18.54 -16.36 -2.32
N LEU A 28 17.76 -15.29 -2.34
CA LEU A 28 16.34 -15.42 -2.65
C LEU A 28 16.14 -15.62 -4.16
N GLU A 29 15.02 -16.20 -4.51
CA GLU A 29 14.72 -16.45 -5.91
C GLU A 29 13.22 -16.28 -6.12
N PRO A 30 12.81 -15.86 -7.30
CA PRO A 30 11.37 -15.89 -7.62
C PRO A 30 10.95 -17.35 -7.83
N LEU A 31 9.64 -17.59 -7.71
CA LEU A 31 9.14 -18.88 -8.15
C LEU A 31 9.21 -18.94 -9.68
N PRO A 32 9.24 -20.15 -10.24
CA PRO A 32 9.39 -20.25 -11.71
C PRO A 32 8.35 -19.46 -12.50
N GLU A 33 7.11 -19.45 -12.03
CA GLU A 33 6.05 -18.75 -12.74
C GLU A 33 6.23 -17.24 -12.68
N GLU A 34 6.98 -16.75 -11.70
CA GLU A 34 7.22 -15.32 -11.55
C GLU A 34 8.39 -14.82 -12.36
N GLU A 35 9.32 -15.69 -12.76
CA GLU A 35 10.53 -15.24 -13.42
C GLU A 35 10.25 -14.44 -14.68
N PRO A 36 9.28 -14.79 -15.53
CA PRO A 36 9.06 -13.99 -16.74
C PRO A 36 8.77 -12.53 -16.48
N LEU A 37 8.18 -12.21 -15.33
CA LEU A 37 7.81 -10.84 -15.03
C LEU A 37 9.03 -9.94 -14.81
N ILE A 38 10.19 -10.50 -14.50
CA ILE A 38 11.38 -9.71 -14.22
C ILE A 38 12.56 -10.18 -15.04
N ALA A 39 12.31 -10.99 -16.07
CA ALA A 39 13.40 -11.60 -16.84
C ALA A 39 14.30 -10.55 -17.49
N LYS A 40 13.73 -9.40 -17.86
CA LYS A 40 14.48 -8.33 -18.52
C LYS A 40 14.60 -7.09 -17.65
N SER A 41 14.51 -7.25 -16.34
CA SER A 41 14.53 -6.15 -15.38
C SER A 41 15.89 -5.98 -14.75
N VAL A 42 16.20 -4.72 -14.43
CA VAL A 42 17.45 -4.38 -13.76
C VAL A 42 17.47 -4.94 -12.35
N ALA A 43 18.67 -4.97 -11.77
CA ALA A 43 18.86 -5.65 -10.50
C ALA A 43 18.02 -5.06 -9.37
N LYS A 44 17.89 -3.73 -9.32
CA LYS A 44 17.09 -3.14 -8.25
C LYS A 44 15.65 -3.62 -8.31
N ARG A 45 15.07 -3.67 -9.51
CA ARG A 45 13.70 -4.12 -9.69
C ARG A 45 13.57 -5.59 -9.36
N ARG A 46 14.49 -6.42 -9.84
CA ARG A 46 14.47 -7.84 -9.50
C ARG A 46 14.47 -8.03 -8.00
N ASN A 47 15.36 -7.33 -7.28
CA ASN A 47 15.49 -7.51 -5.84
C ASN A 47 14.23 -7.11 -5.11
N GLU A 48 13.65 -5.96 -5.47
N GLU A 48 13.65 -5.95 -5.46
CA GLU A 48 12.44 -5.52 -4.77
CA GLU A 48 12.44 -5.50 -4.79
C GLU A 48 11.29 -6.49 -5.01
C GLU A 48 11.30 -6.50 -5.01
N PHE A 49 11.16 -6.98 -6.25
CA PHE A 49 10.07 -7.90 -6.60
C PHE A 49 10.22 -9.22 -5.85
N ILE A 50 11.44 -9.75 -5.81
CA ILE A 50 11.71 -11.04 -5.19
C ILE A 50 11.57 -10.95 -3.68
N THR A 51 12.19 -9.96 -3.07
CA THR A 51 12.17 -9.86 -1.61
C THR A 51 10.77 -9.58 -1.10
N VAL A 52 10.02 -8.71 -1.77
CA VAL A 52 8.66 -8.43 -1.29
C VAL A 52 7.79 -9.68 -1.34
N ARG A 53 8.00 -10.53 -2.35
CA ARG A 53 7.22 -11.75 -2.47
C ARG A 53 7.63 -12.79 -1.43
N TYR A 54 8.90 -12.81 -1.01
CA TYR A 54 9.26 -13.62 0.14
C TYR A 54 8.47 -13.18 1.37
N CYS A 55 8.37 -11.87 1.59
CA CYS A 55 7.57 -11.37 2.71
C CYS A 55 6.11 -11.75 2.56
N ALA A 56 5.56 -11.60 1.35
CA ALA A 56 4.15 -11.93 1.15
C ALA A 56 3.88 -13.40 1.41
N ARG A 57 4.77 -14.28 0.94
CA ARG A 57 4.58 -15.71 1.19
C ARG A 57 4.71 -16.03 2.67
N GLN A 58 5.57 -15.32 3.41
CA GLN A 58 5.64 -15.55 4.85
C GLN A 58 4.30 -15.20 5.51
N ALA A 59 3.73 -14.06 5.14
CA ALA A 59 2.45 -13.66 5.70
C ALA A 59 1.33 -14.59 5.27
N LEU A 60 1.34 -15.02 4.01
CA LEU A 60 0.36 -16.00 3.55
C LEU A 60 0.46 -17.30 4.35
N SER A 61 1.67 -17.73 4.70
CA SER A 61 1.81 -18.96 5.46
C SER A 61 1.16 -18.86 6.84
N VAL A 62 1.20 -17.67 7.44
CA VAL A 62 0.48 -17.49 8.71
C VAL A 62 -1.01 -17.73 8.54
N LEU A 63 -1.58 -17.37 7.38
CA LEU A 63 -2.97 -17.68 7.11
C LEU A 63 -3.19 -19.14 6.72
N GLY A 64 -2.13 -19.94 6.63
CA GLY A 64 -2.26 -21.32 6.21
C GLY A 64 -2.26 -21.51 4.72
N ILE A 65 -1.83 -20.52 3.95
CA ILE A 65 -1.76 -20.62 2.51
C ILE A 65 -0.34 -21.05 2.14
N PRO A 66 -0.17 -22.16 1.45
CA PRO A 66 1.19 -22.60 1.09
C PRO A 66 1.75 -21.81 -0.09
N GLU A 67 3.04 -22.02 -0.33
CA GLU A 67 3.78 -21.32 -1.38
C GLU A 67 2.97 -21.24 -2.66
N VAL A 68 2.84 -20.03 -3.19
CA VAL A 68 2.07 -19.76 -4.40
C VAL A 68 2.68 -18.57 -5.13
N PRO A 69 2.71 -18.56 -6.45
CA PRO A 69 3.17 -17.36 -7.18
C PRO A 69 2.22 -16.20 -6.99
N ILE A 70 2.78 -15.00 -7.03
CA ILE A 70 2.01 -13.76 -6.93
C ILE A 70 2.29 -12.97 -8.21
N LEU A 71 1.46 -13.18 -9.23
CA LEU A 71 1.61 -12.57 -10.53
C LEU A 71 0.91 -11.22 -10.54
N LYS A 72 1.02 -10.51 -11.66
CA LYS A 72 0.43 -9.19 -11.77
C LYS A 72 -0.65 -9.14 -12.87
N GLY A 73 -1.74 -8.42 -12.61
CA GLY A 73 -2.82 -8.32 -13.56
C GLY A 73 -2.60 -7.22 -14.57
N ASP A 74 -3.66 -6.88 -15.34
CA ASP A 74 -3.57 -5.89 -16.40
C ASP A 74 -3.14 -4.49 -15.98
N LYS A 75 -3.46 -4.10 -14.75
CA LYS A 75 -3.09 -2.79 -14.27
C LYS A 75 -1.96 -2.86 -13.24
N GLY A 76 -1.26 -3.99 -13.20
CA GLY A 76 -0.13 -4.23 -12.30
C GLY A 76 -0.49 -4.77 -10.94
N GLN A 77 -1.77 -5.01 -10.70
CA GLN A 77 -2.23 -5.40 -9.38
C GLN A 77 -1.77 -6.81 -9.06
N PRO A 78 -1.40 -7.08 -7.83
CA PRO A 78 -1.04 -8.46 -7.45
C PRO A 78 -2.26 -9.36 -7.47
N LEU A 79 -2.06 -10.59 -7.95
CA LEU A 79 -3.15 -11.56 -8.09
C LEU A 79 -3.06 -12.57 -6.95
N TRP A 80 -3.88 -12.36 -5.93
CA TRP A 80 -3.88 -13.19 -4.72
C TRP A 80 -4.72 -14.44 -4.89
N PRO A 81 -4.53 -15.43 -4.03
CA PRO A 81 -5.41 -16.59 -4.05
C PRO A 81 -6.86 -16.19 -3.81
N ASP A 82 -7.77 -17.03 -4.32
CA ASP A 82 -9.20 -16.82 -4.05
C ASP A 82 -9.43 -16.78 -2.55
N GLY A 83 -10.17 -15.78 -2.08
CA GLY A 83 -10.43 -15.62 -0.67
C GLY A 83 -9.42 -14.78 0.09
N ILE A 84 -8.43 -14.23 -0.60
CA ILE A 84 -7.36 -13.47 0.03
C ILE A 84 -7.31 -12.09 -0.58
N VAL A 85 -7.02 -11.10 0.26
CA VAL A 85 -6.66 -9.75 -0.16
C VAL A 85 -5.28 -9.44 0.40
N GLY A 86 -4.62 -8.44 -0.20
CA GLY A 86 -3.29 -8.11 0.27
C GLY A 86 -2.74 -6.90 -0.43
N SER A 87 -1.57 -6.48 0.02
CA SER A 87 -0.87 -5.34 -0.58
C SER A 87 0.61 -5.50 -0.33
N MET A 88 1.40 -4.99 -1.28
CA MET A 88 2.86 -5.03 -1.22
C MET A 88 3.42 -3.65 -1.54
N THR A 89 4.62 -3.37 -0.98
CA THR A 89 5.30 -2.11 -1.23
C THR A 89 6.79 -2.31 -1.11
N HIS A 90 7.53 -1.55 -1.94
CA HIS A 90 8.98 -1.59 -1.89
C HIS A 90 9.58 -0.25 -2.26
N THR A 91 10.51 0.22 -1.45
CA THR A 91 11.33 1.41 -1.72
C THR A 91 12.70 1.11 -1.14
N GLU A 92 13.69 1.95 -1.46
CA GLU A 92 15.00 1.74 -0.88
C GLU A 92 14.87 1.70 0.65
N GLY A 93 15.35 0.62 1.25
CA GLY A 93 15.24 0.43 2.67
C GLY A 93 14.02 -0.31 3.18
N PHE A 94 13.12 -0.74 2.29
CA PHE A 94 11.91 -1.39 2.77
C PHE A 94 11.28 -2.28 1.71
N ARG A 95 10.92 -3.48 2.11
CA ARG A 95 10.02 -4.35 1.37
C ARG A 95 9.01 -4.88 2.37
N GLY A 96 7.74 -4.82 2.04
CA GLY A 96 6.74 -5.28 2.99
C GLY A 96 5.47 -5.72 2.31
N ALA A 97 4.76 -6.62 2.99
CA ALA A 97 3.50 -7.15 2.50
C ALA A 97 2.58 -7.42 3.68
N VAL A 98 1.29 -7.33 3.40
CA VAL A 98 0.22 -7.65 4.34
C VAL A 98 -0.86 -8.40 3.58
N VAL A 99 -1.48 -9.40 4.23
CA VAL A 99 -2.55 -10.19 3.64
C VAL A 99 -3.67 -10.39 4.64
N GLY A 100 -4.85 -10.72 4.14
CA GLY A 100 -5.99 -11.04 4.99
C GLY A 100 -7.01 -11.85 4.23
N ARG A 101 -7.98 -12.38 4.96
N ARG A 101 -7.98 -12.38 4.96
CA ARG A 101 -9.05 -13.16 4.37
CA ARG A 101 -9.05 -13.16 4.37
C ARG A 101 -10.24 -12.28 4.05
C ARG A 101 -10.25 -12.28 4.05
N THR A 102 -10.89 -12.56 2.91
CA THR A 102 -12.07 -11.79 2.52
C THR A 102 -13.23 -11.95 3.50
N GLY A 103 -13.25 -13.01 4.30
CA GLY A 103 -14.27 -13.09 5.32
C GLY A 103 -14.07 -12.16 6.49
N GLU A 104 -12.89 -11.55 6.61
CA GLU A 104 -12.56 -10.70 7.74
C GLU A 104 -12.40 -9.24 7.37
N VAL A 105 -11.96 -8.93 6.14
CA VAL A 105 -11.83 -7.56 5.65
C VAL A 105 -12.23 -7.53 4.18
N ARG A 106 -12.48 -6.32 3.66
CA ARG A 106 -12.81 -6.20 2.25
C ARG A 106 -11.60 -5.93 1.36
N SER A 107 -10.62 -5.16 1.84
CA SER A 107 -9.49 -4.73 1.04
C SER A 107 -8.44 -4.13 1.96
N VAL A 108 -7.20 -4.18 1.53
CA VAL A 108 -6.09 -3.52 2.23
C VAL A 108 -5.13 -2.92 1.22
N GLY A 109 -4.59 -1.75 1.56
CA GLY A 109 -3.49 -1.17 0.82
C GLY A 109 -2.45 -0.65 1.78
N ILE A 110 -1.19 -0.76 1.37
CA ILE A 110 -0.08 -0.18 2.12
C ILE A 110 0.90 0.47 1.15
N ASP A 111 1.68 1.42 1.66
CA ASP A 111 2.66 2.09 0.83
C ASP A 111 3.76 2.66 1.71
N ALA A 112 5.01 2.38 1.33
CA ALA A 112 6.18 2.94 1.96
C ALA A 112 6.84 3.94 1.02
N GLU A 113 7.22 5.09 1.58
CA GLU A 113 7.97 6.12 0.88
C GLU A 113 9.13 6.56 1.77
N PRO A 114 10.23 7.05 1.19
CA PRO A 114 11.24 7.72 2.01
C PRO A 114 10.66 8.98 2.62
N HIS A 115 11.05 9.25 3.87
CA HIS A 115 10.62 10.46 4.58
C HIS A 115 11.51 11.62 4.17
N ASP A 116 11.27 12.08 2.93
CA ASP A 116 11.97 13.21 2.33
C ASP A 116 10.95 14.12 1.65
N VAL A 117 11.33 15.38 1.41
CA VAL A 117 10.46 16.24 0.61
C VAL A 117 10.19 15.56 -0.74
N LEU A 118 9.06 15.90 -1.34
CA LEU A 118 8.77 15.41 -2.67
C LEU A 118 9.74 16.02 -3.69
N PRO A 119 9.98 15.34 -4.80
CA PRO A 119 10.74 15.95 -5.89
C PRO A 119 10.07 17.22 -6.38
N ASN A 120 10.87 18.12 -6.94
CA ASN A 120 10.33 19.35 -7.51
C ASN A 120 9.19 19.04 -8.45
N GLY A 121 8.09 19.80 -8.32
CA GLY A 121 6.96 19.70 -9.21
C GLY A 121 5.93 18.66 -8.86
N VAL A 122 6.24 17.71 -7.98
CA VAL A 122 5.32 16.61 -7.75
C VAL A 122 4.10 17.05 -6.95
N LEU A 123 4.31 17.87 -5.92
CA LEU A 123 3.18 18.30 -5.10
C LEU A 123 2.09 18.95 -5.94
N LYS A 124 2.48 19.81 -6.90
CA LYS A 124 1.48 20.43 -7.77
C LYS A 124 0.69 19.39 -8.53
N SER A 125 1.31 18.28 -8.91
CA SER A 125 0.64 17.25 -9.69
C SER A 125 -0.26 16.37 -8.85
N ILE A 126 0.00 16.22 -7.56
CA ILE A 126 -0.73 15.24 -6.77
C ILE A 126 -1.70 15.85 -5.77
N ALA A 127 -1.59 17.13 -5.46
CA ALA A 127 -2.41 17.75 -4.43
C ALA A 127 -3.49 18.65 -5.02
N LEU A 128 -4.65 18.62 -4.40
CA LEU A 128 -5.65 19.62 -4.67
C LEU A 128 -5.21 20.94 -4.05
N PRO A 129 -5.64 22.06 -4.59
CA PRO A 129 -5.28 23.34 -3.96
C PRO A 129 -5.60 23.40 -2.47
N VAL A 130 -6.77 22.91 -2.07
CA VAL A 130 -7.13 22.94 -0.65
C VAL A 130 -6.18 22.09 0.16
N GLU A 131 -5.70 20.96 -0.40
CA GLU A 131 -4.75 20.13 0.31
C GLU A 131 -3.44 20.88 0.55
N ARG A 132 -2.98 21.64 -0.44
CA ARG A 132 -1.75 22.41 -0.24
C ARG A 132 -1.89 23.35 0.95
N ASP A 133 -3.04 24.02 1.05
CA ASP A 133 -3.29 24.90 2.19
C ASP A 133 -3.30 24.11 3.49
N GLU A 134 -3.99 22.97 3.49
CA GLU A 134 -4.07 22.16 4.70
C GLU A 134 -2.68 21.72 5.16
N LEU A 135 -1.83 21.28 4.22
CA LEU A 135 -0.50 20.81 4.61
C LEU A 135 0.32 21.93 5.23
N ASP A 136 0.20 23.15 4.69
CA ASP A 136 0.97 24.27 5.21
C ASP A 136 0.57 24.61 6.65
N ALA A 137 -0.63 24.22 7.07
CA ALA A 137 -1.12 24.53 8.40
C ALA A 137 -0.76 23.47 9.43
N LEU A 138 -0.27 22.31 9.00
CA LEU A 138 0.08 21.24 9.94
C LEU A 138 1.38 21.58 10.65
N PRO A 139 1.64 20.95 11.80
CA PRO A 139 2.81 21.32 12.61
C PRO A 139 4.13 21.06 11.89
N ALA A 140 5.09 21.93 12.13
CA ALA A 140 6.40 21.76 11.52
C ALA A 140 7.06 20.48 12.02
N GLY A 141 7.91 19.90 11.19
CA GLY A 141 8.75 18.78 11.60
C GLY A 141 8.45 17.47 10.91
N THR A 142 7.53 17.42 9.95
CA THR A 142 7.20 16.23 9.21
C THR A 142 7.05 16.63 7.75
N HIS A 143 7.45 15.76 6.82
CA HIS A 143 7.30 16.04 5.40
C HIS A 143 5.87 15.68 4.97
N TRP A 144 4.97 16.63 5.22
CA TRP A 144 3.56 16.39 4.97
C TRP A 144 3.25 16.18 3.50
N ASP A 145 4.03 16.79 2.61
CA ASP A 145 3.84 16.58 1.17
C ASP A 145 4.08 15.13 0.79
N ARG A 146 5.15 14.53 1.31
CA ARG A 146 5.42 13.13 1.03
C ARG A 146 4.39 12.23 1.68
N LEU A 147 3.93 12.60 2.87
CA LEU A 147 2.91 11.81 3.56
C LEU A 147 1.64 11.80 2.71
N LEU A 148 1.23 12.96 2.19
CA LEU A 148 0.04 13.02 1.35
C LEU A 148 0.18 12.13 0.13
N PHE A 149 1.31 12.22 -0.56
CA PHE A 149 1.58 11.36 -1.72
C PHE A 149 1.46 9.89 -1.36
N CYS A 150 2.12 9.46 -0.29
CA CYS A 150 2.09 8.08 0.14
C CYS A 150 0.66 7.64 0.44
N ALA A 151 -0.09 8.48 1.17
CA ALA A 151 -1.47 8.15 1.51
C ALA A 151 -2.36 8.03 0.28
N LYS A 152 -2.13 8.88 -0.73
CA LYS A 152 -2.92 8.76 -1.95
C LYS A 152 -2.60 7.49 -2.72
N GLU A 153 -1.32 7.07 -2.74
CA GLU A 153 -0.97 5.81 -3.39
C GLU A 153 -1.64 4.63 -2.67
N THR A 154 -1.63 4.65 -1.32
CA THR A 154 -2.34 3.64 -0.55
C THR A 154 -3.83 3.63 -0.84
N THR A 155 -4.41 4.82 -1.03
CA THR A 155 -5.83 4.91 -1.39
C THR A 155 -6.12 4.15 -2.67
N TYR A 156 -5.28 4.34 -3.69
CA TYR A 156 -5.47 3.61 -4.94
C TYR A 156 -5.35 2.11 -4.71
N LYS A 157 -4.37 1.69 -3.92
CA LYS A 157 -4.19 0.25 -3.70
C LYS A 157 -5.35 -0.39 -2.97
N ALA A 158 -6.02 0.34 -2.08
CA ALA A 158 -7.21 -0.21 -1.42
C ALA A 158 -8.43 -0.17 -2.33
N TRP A 159 -8.51 0.83 -3.20
CA TRP A 159 -9.63 1.04 -4.10
C TRP A 159 -9.63 0.07 -5.27
N PHE A 160 -8.48 -0.13 -5.89
CA PHE A 160 -8.49 -0.86 -7.15
C PHE A 160 -9.02 -2.29 -7.02
N PRO A 161 -8.67 -3.06 -5.99
CA PRO A 161 -9.20 -4.43 -5.90
C PRO A 161 -10.71 -4.48 -5.76
N LEU A 162 -11.34 -3.39 -5.33
CA LEU A 162 -12.79 -3.36 -5.16
C LEU A 162 -13.53 -2.76 -6.34
N THR A 163 -12.85 -1.99 -7.20
CA THR A 163 -13.54 -1.27 -8.27
C THR A 163 -13.04 -1.61 -9.66
N ALA A 164 -11.79 -2.05 -9.81
CA ALA A 164 -11.16 -2.30 -11.10
C ALA A 164 -11.12 -1.05 -11.97
N ARG A 165 -11.05 0.12 -11.33
CA ARG A 165 -11.06 1.42 -12.01
C ARG A 165 -9.89 2.28 -11.58
N TRP A 166 -9.46 3.14 -12.49
CA TRP A 166 -8.46 4.15 -12.17
C TRP A 166 -8.97 5.07 -11.08
N LEU A 167 -8.05 5.53 -10.23
CA LEU A 167 -8.30 6.65 -9.34
C LEU A 167 -7.09 7.56 -9.42
N GLY A 168 -7.29 8.77 -9.88
CA GLY A 168 -6.20 9.71 -9.98
C GLY A 168 -5.95 10.45 -8.68
N PHE A 169 -4.80 11.13 -8.64
CA PHE A 169 -4.46 11.93 -7.46
C PHE A 169 -5.50 13.03 -7.21
N GLU A 170 -6.09 13.58 -8.27
CA GLU A 170 -7.09 14.64 -8.18
C GLU A 170 -8.46 14.11 -7.82
N ASP A 171 -8.62 12.79 -7.73
CA ASP A 171 -9.92 12.17 -7.53
C ASP A 171 -10.23 11.86 -6.07
N ALA A 172 -9.34 12.20 -5.15
CA ALA A 172 -9.56 11.98 -3.73
C ALA A 172 -8.92 13.11 -2.93
N HIS A 173 -9.61 13.54 -1.88
CA HIS A 173 -9.09 14.49 -0.91
C HIS A 173 -8.69 13.74 0.35
N ILE A 174 -7.41 13.80 0.67
CA ILE A 174 -6.83 13.14 1.84
C ILE A 174 -6.57 14.22 2.89
N THR A 175 -7.03 13.98 4.11
CA THR A 175 -6.84 14.87 5.24
C THR A 175 -5.99 14.11 6.26
N ILE A 176 -4.84 14.66 6.62
CA ILE A 176 -3.86 14.01 7.48
C ILE A 176 -3.99 14.55 8.90
N ASP A 177 -4.12 13.65 9.87
CA ASP A 177 -4.11 14.05 11.26
C ASP A 177 -2.73 13.79 11.86
N PRO A 178 -2.15 14.74 12.59
CA PRO A 178 -0.84 14.49 13.22
C PRO A 178 -0.82 13.27 14.13
N ASP A 179 -1.97 12.76 14.57
CA ASP A 179 -2.03 11.66 15.52
C ASP A 179 -1.80 10.29 14.88
N GLY A 180 -1.50 10.23 13.59
CA GLY A 180 -1.23 8.96 12.93
C GLY A 180 -2.39 8.36 12.18
N THR A 181 -3.43 9.13 11.90
CA THR A 181 -4.56 8.71 11.09
C THR A 181 -4.70 9.66 9.92
N PHE A 182 -5.42 9.21 8.91
CA PHE A 182 -5.86 10.07 7.82
C PHE A 182 -7.18 9.54 7.28
N THR A 183 -7.85 10.39 6.51
CA THR A 183 -9.06 10.01 5.82
C THR A 183 -8.89 10.29 4.34
N SER A 184 -9.52 9.49 3.50
CA SER A 184 -9.57 9.72 2.07
C SER A 184 -11.02 9.84 1.64
N ARG A 185 -11.39 10.95 1.04
CA ARG A 185 -12.73 11.18 0.54
C ARG A 185 -12.68 11.12 -0.97
N ILE A 186 -13.46 10.23 -1.56
CA ILE A 186 -13.50 10.02 -2.99
C ILE A 186 -14.40 11.08 -3.61
N LEU A 187 -13.90 11.74 -4.66
CA LEU A 187 -14.61 12.82 -5.33
C LEU A 187 -15.29 12.39 -6.62
N VAL A 188 -15.08 11.16 -7.07
CA VAL A 188 -15.69 10.63 -8.28
C VAL A 188 -16.70 9.57 -7.89
N ASP A 189 -17.39 9.00 -8.86
CA ASP A 189 -18.36 7.96 -8.56
C ASP A 189 -17.64 6.79 -7.89
N GLY A 190 -18.26 6.27 -6.84
CA GLY A 190 -17.61 5.26 -6.04
C GLY A 190 -18.14 3.85 -6.20
N ARG A 191 -18.81 3.56 -7.31
CA ARG A 191 -19.41 2.25 -7.51
C ARG A 191 -18.34 1.16 -7.53
N ALA A 192 -18.57 0.13 -6.73
CA ALA A 192 -17.63 -0.99 -6.63
C ALA A 192 -18.14 -2.15 -7.48
N ASN A 193 -17.26 -3.13 -7.71
CA ASN A 193 -17.58 -4.24 -8.60
C ASN A 193 -18.81 -5.01 -8.15
N ASP A 194 -19.03 -5.12 -6.84
CA ASP A 194 -20.14 -5.90 -6.33
C ASP A 194 -21.42 -5.10 -6.14
N GLY A 195 -21.46 -3.84 -6.58
CA GLY A 195 -22.65 -3.03 -6.49
C GLY A 195 -22.70 -2.06 -5.33
N THR A 196 -21.84 -2.20 -4.33
CA THR A 196 -21.79 -1.25 -3.23
C THR A 196 -21.14 0.05 -3.71
N VAL A 197 -21.07 1.03 -2.81
CA VAL A 197 -20.47 2.33 -3.10
C VAL A 197 -19.37 2.62 -2.09
N LEU A 198 -18.22 3.05 -2.59
CA LEU A 198 -17.12 3.51 -1.76
C LEU A 198 -17.12 5.03 -1.78
N SER A 199 -17.09 5.64 -0.61
CA SER A 199 -17.11 7.11 -0.55
C SER A 199 -15.96 7.65 0.30
N ALA A 200 -15.50 6.87 1.27
CA ALA A 200 -14.42 7.32 2.13
C ALA A 200 -13.70 6.13 2.73
N PHE A 201 -12.42 6.33 2.98
CA PHE A 201 -11.55 5.36 3.63
C PHE A 201 -10.92 5.97 4.87
N ASP A 202 -10.66 5.13 5.86
CA ASP A 202 -9.90 5.51 7.04
C ASP A 202 -8.52 4.89 6.93
N GLY A 203 -7.49 5.69 7.20
CA GLY A 203 -6.11 5.25 7.08
C GLY A 203 -5.32 5.50 8.35
N ARG A 204 -4.15 4.86 8.40
CA ARG A 204 -3.21 5.00 9.50
C ARG A 204 -1.82 5.21 8.92
N TRP A 205 -0.96 5.90 9.67
CA TRP A 205 0.37 6.18 9.17
C TRP A 205 1.37 6.20 10.33
N ILE A 206 2.62 5.89 9.98
CA ILE A 206 3.72 5.90 10.94
C ILE A 206 4.96 6.36 10.18
N ILE A 207 5.84 7.05 10.90
CA ILE A 207 7.16 7.44 10.39
C ILE A 207 8.20 6.84 11.31
N ASP A 208 9.13 6.09 10.73
CA ASP A 208 10.20 5.46 11.47
C ASP A 208 11.26 5.01 10.48
N LYS A 209 12.50 4.91 10.94
CA LYS A 209 13.60 4.42 10.12
C LYS A 209 13.76 5.23 8.83
N GLY A 210 13.43 6.52 8.86
CA GLY A 210 13.54 7.33 7.67
C GLY A 210 12.49 7.06 6.62
N LEU A 211 11.43 6.37 6.99
CA LEU A 211 10.38 5.95 6.08
C LEU A 211 9.02 6.42 6.57
N ILE A 212 8.12 6.65 5.62
CA ILE A 212 6.69 6.77 5.88
C ILE A 212 6.03 5.48 5.46
N LEU A 213 5.15 4.95 6.30
CA LEU A 213 4.30 3.82 5.93
C LEU A 213 2.85 4.24 6.17
N THR A 214 2.03 4.14 5.14
CA THR A 214 0.60 4.38 5.25
C THR A 214 -0.14 3.08 4.97
N ALA A 215 -1.32 2.95 5.56
CA ALA A 215 -2.14 1.76 5.39
C ALA A 215 -3.62 2.13 5.46
N ILE A 216 -4.43 1.46 4.63
CA ILE A 216 -5.88 1.50 4.70
C ILE A 216 -6.41 0.08 4.74
N VAL A 217 -7.29 -0.20 5.69
CA VAL A 217 -8.11 -1.39 5.67
C VAL A 217 -9.55 -0.95 5.41
N VAL A 218 -10.17 -1.52 4.38
CA VAL A 218 -11.60 -1.39 4.16
C VAL A 218 -12.27 -2.48 4.97
N PRO A 219 -13.02 -2.13 6.01
CA PRO A 219 -13.49 -3.16 6.96
C PRO A 219 -14.61 -3.98 6.37
N LYS A 220 -14.82 -5.14 7.01
CA LYS A 220 -15.95 -6.00 6.66
C LYS A 220 -17.24 -5.19 6.66
N LEU A 221 -18.10 -5.49 5.68
CA LEU A 221 -19.38 -4.79 5.54
C LEU A 221 -20.14 -4.82 6.85
N ALA A 222 -20.56 -3.63 7.30
CA ALA A 222 -21.32 -3.51 8.53
C ALA A 222 -22.74 -4.02 8.37
N1A COA B . -3.75 -2.11 -7.52
C2A COA B . -3.12 -2.55 -6.38
N3A COA B . -1.85 -2.75 -6.13
C4A COA B . -1.06 -2.50 -7.19
C5A COA B . -1.55 -2.04 -8.44
C6A COA B . -2.93 -1.88 -8.55
N6A COA B . -3.53 -1.48 -9.73
N7A COA B . -0.50 -1.88 -9.34
C8A COA B . 0.58 -2.21 -8.65
N9A COA B . 0.28 -2.61 -7.35
C1B COA B . 1.22 -3.09 -6.30
C2B COA B . 2.18 -4.21 -6.91
O2B COA B . 2.18 -5.32 -6.06
C3B COA B . 3.54 -3.49 -6.95
O3B COA B . 4.61 -4.25 -6.59
P3B COA B . 5.10 -5.46 -7.72
O7A COA B . 5.16 -4.74 -9.05
O8A COA B . 6.44 -5.89 -7.19
O9A COA B . 3.99 -6.48 -7.61
C4B COA B . 3.36 -2.47 -5.80
O4B COA B . 1.96 -2.04 -5.88
C5B COA B . 4.28 -1.26 -5.84
O5B COA B . 3.95 -0.48 -4.68
P1A COA B . 5.06 0.56 -4.20
O1A COA B . 6.40 -0.06 -4.23
O2A COA B . 4.54 1.12 -2.90
O3A COA B . 5.10 1.68 -5.42
P2A COA B . 4.30 3.07 -5.45
O4A COA B . 4.79 3.67 -6.71
O5A COA B . 4.37 3.83 -4.13
O6A COA B . 2.74 2.69 -5.58
CBP COA B . 1.17 2.54 -7.41
CCP COA B . 2.37 1.88 -6.70
CDP COA B . 0.58 1.51 -8.37
CEP COA B . 0.10 3.04 -6.41
CAP COA B . 1.73 3.82 -8.17
OAP COA B . 2.89 3.45 -8.87
C9P COA B . 0.79 4.39 -9.17
O9P COA B . 0.78 4.06 -10.33
N8P COA B . -0.03 5.39 -8.67
C7P COA B . -0.99 5.96 -9.55
C6P COA B . -2.42 5.80 -8.93
C5P COA B . -2.51 6.58 -7.64
O5P COA B . -1.67 6.50 -6.74
N4P COA B . -3.67 7.35 -7.50
C3P COA B . -3.90 8.20 -6.30
C2P COA B . -5.29 7.87 -5.77
S1P COA B . -5.87 9.10 -4.54
H2A COA B . -3.80 -2.76 -5.56
H61A COA B . -2.97 -1.04 -10.41
H62A COA B . -4.49 -1.66 -9.88
H8A COA B . 1.60 -2.17 -9.03
H1B COA B . 0.61 -3.48 -5.47
H2B COA B . 1.95 -4.44 -7.98
HO2A COA B . 2.03 -6.08 -6.60
H3B COA B . 3.60 -3.03 -7.97
H4B COA B . 3.62 -3.00 -4.85
H51A COA B . 5.36 -1.57 -5.82
H52A COA B . 4.14 -0.67 -6.77
H121 COA B . 2.14 0.85 -6.36
H122 COA B . 3.26 1.79 -7.40
H131 COA B . 1.29 1.22 -9.15
H132 COA B . -0.32 1.89 -8.88
H133 COA B . 0.27 0.58 -7.86
H141 COA B . 0.47 3.89 -5.81
H142 COA B . -0.19 2.25 -5.70
H143 COA B . -0.81 3.37 -6.93
H10 COA B . 1.92 4.63 -7.43
HO1 COA B . 3.66 3.82 -8.42
HN8 COA B . 0.03 5.70 -7.73
H71 COA B . -0.74 7.04 -9.71
H72 COA B . -0.92 5.46 -10.54
H61 COA B . -3.18 6.18 -9.65
H62 COA B . -2.63 4.74 -8.75
HN4 COA B . -4.36 7.33 -8.22
H31 COA B . -3.80 9.27 -6.57
H32 COA B . -3.12 7.98 -5.54
H21 COA B . -6.00 7.85 -6.60
H22 COA B . -5.28 6.88 -5.29
HS1 COA B . -6.85 9.64 -5.27
MG MG C . 5.99 3.82 -2.35
#